data_7MO2
#
_entry.id   7MO2
#
_cell.length_a   58.089
_cell.length_b   60.381
_cell.length_c   79.426
_cell.angle_alpha   90.000
_cell.angle_beta   90.080
_cell.angle_gamma   90.000
#
_symmetry.space_group_name_H-M   'P 1 21 1'
#
loop_
_entity.id
_entity.type
_entity.pdbx_description
1 polymer 'GTP-binding nuclear protein Ran'
2 polymer 'Nuclear pore complex protein Nup153'
3 non-polymer "GUANOSINE-5'-DIPHOSPHATE"
4 non-polymer 'MAGNESIUM ION'
5 non-polymer 'ZINC ION'
6 water water
#
loop_
_entity_poly.entity_id
_entity_poly.type
_entity_poly.pdbx_seq_one_letter_code
_entity_poly.pdbx_strand_id
1 'polypeptide(L)'
;SMAAQGEPQVQFKLVLVGDGGTGKTTFVKRHLTGESEKKYVATLGVEVHPLVFHTNRGPIKFNVWDTAGQEKFGGLRDGY
YIQAQCAIIMFDVTSRVTYKNVPNWHRDLVRVCENIPIVLCGNKVDIKDRKVKAKSIVFHRKKNLQYYDISAKSNYNFEK
PFLWLARKLIGDPNLEFVAMPALAPPEVVMDPALAAQYEHDLEVAQTTALPDEDDDL
;
A,C
2 'polypeptide(L)' GPLGSGFGDKFKPAIGTWDCDTCLVQNKPEAVKCVACETPKP B,D
#
# COMPACT_ATOMS: atom_id res chain seq x y z
N GLN A 9 -10.83 11.01 -4.80
CA GLN A 9 -9.94 10.60 -3.72
C GLN A 9 -9.46 11.82 -2.92
N VAL A 10 -9.41 11.66 -1.60
CA VAL A 10 -9.12 12.75 -0.69
C VAL A 10 -7.61 12.76 -0.42
N GLN A 11 -6.94 13.85 -0.78
CA GLN A 11 -5.50 13.96 -0.58
C GLN A 11 -5.12 15.31 0.00
N PHE A 12 -4.02 15.32 0.74
CA PHE A 12 -3.60 16.49 1.52
C PHE A 12 -2.09 16.68 1.34
N LYS A 13 -1.68 17.91 1.03
CA LYS A 13 -0.27 18.24 0.96
C LYS A 13 0.27 18.42 2.37
N LEU A 14 1.29 17.63 2.72
CA LEU A 14 1.93 17.69 4.03
C LEU A 14 3.38 18.10 3.82
N VAL A 15 3.79 19.22 4.42
CA VAL A 15 5.18 19.65 4.33
C VAL A 15 5.93 19.13 5.55
N LEU A 16 7.08 18.52 5.29
CA LEU A 16 7.93 17.90 6.31
C LEU A 16 9.20 18.74 6.39
N VAL A 17 9.35 19.49 7.48
CA VAL A 17 10.40 20.48 7.60
C VAL A 17 11.18 20.27 8.89
N GLY A 18 12.42 20.75 8.87
CA GLY A 18 13.31 20.63 10.02
C GLY A 18 14.75 20.63 9.55
N ASP A 19 15.65 20.82 10.52
CA ASP A 19 17.08 20.91 10.21
C ASP A 19 17.53 19.71 9.37
N GLY A 20 18.51 19.97 8.50
CA GLY A 20 19.16 18.88 7.81
C GLY A 20 19.78 17.90 8.80
N GLY A 21 19.60 16.62 8.51
CA GLY A 21 20.11 15.56 9.34
C GLY A 21 19.20 15.07 10.44
N THR A 22 17.98 15.61 10.55
CA THR A 22 17.08 15.17 11.61
C THR A 22 16.37 13.86 11.27
N GLY A 23 16.49 13.36 10.05
CA GLY A 23 15.88 12.12 9.65
C GLY A 23 14.61 12.23 8.84
N LYS A 24 14.40 13.36 8.16
CA LYS A 24 13.16 13.55 7.40
C LYS A 24 13.04 12.56 6.26
N THR A 25 14.10 12.41 5.48
CA THR A 25 14.06 11.45 4.37
C THR A 25 13.95 10.02 4.88
N THR A 26 14.71 9.67 5.91
CA THR A 26 14.60 8.34 6.49
C THR A 26 13.16 8.07 6.93
N PHE A 27 12.53 9.06 7.56
CA PHE A 27 11.17 8.89 8.06
C PHE A 27 10.18 8.65 6.92
N VAL A 28 10.13 9.55 5.93
CA VAL A 28 9.10 9.42 4.92
C VAL A 28 9.28 8.14 4.12
N LYS A 29 10.52 7.70 3.93
N LYS A 29 10.52 7.70 3.93
CA LYS A 29 10.82 6.53 3.11
CA LYS A 29 10.81 6.53 3.10
C LYS A 29 10.36 5.22 3.74
C LYS A 29 10.39 5.22 3.75
N ARG A 30 9.99 5.22 5.03
CA ARG A 30 9.52 3.99 5.64
C ARG A 30 8.32 3.43 4.91
N HIS A 31 7.46 4.31 4.38
CA HIS A 31 6.26 3.93 3.66
C HIS A 31 6.64 3.45 2.26
N LEU A 32 6.58 2.12 2.04
CA LEU A 32 7.17 1.55 0.84
C LEU A 32 6.48 2.02 -0.43
N THR A 33 5.15 2.11 -0.42
CA THR A 33 4.46 2.51 -1.64
C THR A 33 4.66 4.00 -1.91
N GLY A 34 4.71 4.82 -0.86
CA GLY A 34 5.03 6.23 -1.04
C GLY A 34 6.42 6.43 -1.62
N GLU A 35 7.32 5.46 -1.39
CA GLU A 35 8.66 5.56 -1.97
C GLU A 35 8.65 5.09 -3.42
N SER A 36 7.96 3.99 -3.71
CA SER A 36 7.95 3.49 -5.08
C SER A 36 7.15 4.39 -6.01
N GLU A 37 6.20 5.17 -5.48
CA GLU A 37 5.38 6.07 -6.30
C GLU A 37 5.74 7.53 -6.11
N LYS A 38 6.91 7.83 -5.53
CA LYS A 38 7.28 9.21 -5.26
C LYS A 38 7.47 9.97 -6.58
N LYS A 39 7.34 11.29 -6.48
CA LYS A 39 7.40 12.19 -7.64
C LYS A 39 8.44 13.27 -7.39
N TYR A 40 9.40 13.38 -8.29
CA TYR A 40 10.44 14.41 -8.18
C TYR A 40 9.97 15.72 -8.83
N VAL A 41 10.15 16.83 -8.12
CA VAL A 41 9.78 18.16 -8.59
C VAL A 41 11.08 18.95 -8.74
N ALA A 42 11.57 19.05 -9.98
CA ALA A 42 12.89 19.63 -10.21
C ALA A 42 12.92 21.13 -9.88
N THR A 43 11.84 21.86 -10.18
CA THR A 43 11.87 23.30 -9.97
C THR A 43 11.92 23.68 -8.50
N LEU A 44 11.57 22.76 -7.61
CA LEU A 44 11.52 23.06 -6.18
C LEU A 44 12.47 22.19 -5.37
N GLY A 45 13.20 21.27 -6.00
CA GLY A 45 14.12 20.41 -5.29
C GLY A 45 13.44 19.64 -4.20
N VAL A 46 12.35 18.93 -4.55
CA VAL A 46 11.51 18.23 -3.61
C VAL A 46 11.13 16.89 -4.22
N GLU A 47 11.05 15.87 -3.37
CA GLU A 47 10.40 14.60 -3.70
C GLU A 47 9.08 14.55 -2.96
N VAL A 48 7.99 14.33 -3.69
CA VAL A 48 6.66 14.23 -3.11
C VAL A 48 6.29 12.76 -2.99
N HIS A 49 6.11 12.28 -1.76
CA HIS A 49 5.76 10.89 -1.51
C HIS A 49 4.26 10.76 -1.26
N PRO A 50 3.53 10.01 -2.07
CA PRO A 50 2.08 9.83 -1.82
C PRO A 50 1.82 8.68 -0.86
N LEU A 51 1.44 9.02 0.37
CA LEU A 51 1.31 8.04 1.46
C LEU A 51 -0.17 7.80 1.75
N VAL A 52 -0.67 6.61 1.38
CA VAL A 52 -2.06 6.25 1.64
C VAL A 52 -2.13 5.55 2.99
N PHE A 53 -3.10 5.94 3.78
CA PHE A 53 -3.47 5.24 5.00
C PHE A 53 -4.94 4.88 4.87
N HIS A 54 -5.30 3.72 5.38
CA HIS A 54 -6.66 3.21 5.26
C HIS A 54 -7.37 3.44 6.60
N THR A 55 -8.36 4.33 6.59
CA THR A 55 -9.12 4.64 7.79
C THR A 55 -10.41 3.83 7.83
N ASN A 56 -11.08 3.88 8.98
CA ASN A 56 -12.39 3.26 9.07
C ASN A 56 -13.43 3.94 8.19
N ARG A 57 -13.09 5.08 7.57
CA ARG A 57 -13.97 5.77 6.64
C ARG A 57 -13.39 5.81 5.23
N GLY A 58 -12.41 4.97 4.95
CA GLY A 58 -11.81 4.89 3.63
C GLY A 58 -10.39 5.38 3.62
N PRO A 59 -9.77 5.41 2.43
CA PRO A 59 -8.39 5.83 2.33
C PRO A 59 -8.21 7.33 2.45
N ILE A 60 -7.11 7.73 3.07
CA ILE A 60 -6.63 9.11 3.06
C ILE A 60 -5.20 9.11 2.52
N LYS A 61 -4.90 10.08 1.66
CA LYS A 61 -3.58 10.20 1.05
C LYS A 61 -2.90 11.47 1.54
N PHE A 62 -1.74 11.30 2.18
CA PHE A 62 -0.86 12.41 2.51
C PHE A 62 0.24 12.49 1.47
N ASN A 63 0.30 13.60 0.75
CA ASN A 63 1.36 13.84 -0.22
C ASN A 63 2.46 14.61 0.51
N VAL A 64 3.51 13.88 0.90
CA VAL A 64 4.53 14.41 1.80
C VAL A 64 5.67 15.01 0.97
N TRP A 65 5.96 16.28 1.23
CA TRP A 65 7.01 17.03 0.55
C TRP A 65 8.29 16.93 1.36
N ASP A 66 9.27 16.20 0.83
CA ASP A 66 10.56 16.01 1.46
C ASP A 66 11.61 16.76 0.65
N THR A 67 12.25 17.75 1.25
CA THR A 67 13.25 18.51 0.51
C THR A 67 14.43 17.61 0.17
N ALA A 68 14.96 17.80 -1.04
CA ALA A 68 16.15 17.06 -1.46
C ALA A 68 17.42 17.58 -0.81
N GLY A 69 17.37 18.78 -0.23
CA GLY A 69 18.57 19.45 0.23
C GLY A 69 18.67 19.53 1.73
N GLN A 70 19.54 20.43 2.19
CA GLN A 70 19.90 20.63 3.58
C GLN A 70 19.59 22.05 4.02
N GLU A 71 18.46 22.58 3.59
CA GLU A 71 18.20 24.00 3.71
C GLU A 71 18.02 24.41 5.17
N LYS A 72 18.46 25.62 5.48
CA LYS A 72 18.11 26.29 6.72
C LYS A 72 16.66 26.76 6.65
N PHE A 73 16.06 26.97 7.82
CA PHE A 73 14.77 27.65 7.85
C PHE A 73 14.87 28.98 7.10
N GLY A 74 13.84 29.30 6.34
CA GLY A 74 13.87 30.44 5.46
C GLY A 74 14.54 30.20 4.12
N GLY A 75 15.13 29.02 3.90
CA GLY A 75 15.93 28.78 2.72
C GLY A 75 15.30 27.86 1.70
N LEU A 76 14.08 27.40 1.98
CA LEU A 76 13.37 26.58 1.01
C LEU A 76 12.85 27.45 -0.13
N ARG A 77 12.77 26.85 -1.31
CA ARG A 77 12.36 27.58 -2.50
C ARG A 77 10.90 28.00 -2.41
N ASP A 78 10.61 29.15 -3.02
CA ASP A 78 9.23 29.63 -3.07
C ASP A 78 8.41 28.71 -3.95
N GLY A 79 7.39 28.09 -3.34
CA GLY A 79 6.62 27.05 -3.96
C GLY A 79 6.53 25.86 -3.02
N TYR A 80 7.57 25.67 -2.21
CA TYR A 80 7.59 24.53 -1.29
C TYR A 80 6.37 24.54 -0.40
N TYR A 81 6.05 25.70 0.20
CA TYR A 81 4.99 25.82 1.17
C TYR A 81 3.62 26.06 0.55
N ILE A 82 3.56 26.37 -0.75
CA ILE A 82 2.29 26.75 -1.35
C ILE A 82 1.28 25.61 -1.28
N GLN A 83 0.09 25.93 -0.77
CA GLN A 83 -1.04 25.01 -0.71
C GLN A 83 -0.83 23.86 0.26
N ALA A 84 0.13 23.99 1.18
CA ALA A 84 0.25 23.01 2.24
C ALA A 84 -1.04 23.01 3.06
N GLN A 85 -1.46 21.83 3.48
CA GLN A 85 -2.66 21.68 4.28
C GLN A 85 -2.37 21.12 5.66
N CYS A 86 -1.16 20.69 5.91
CA CYS A 86 -0.75 20.19 7.22
C CYS A 86 0.77 20.10 7.20
N ALA A 87 1.35 19.85 8.37
CA ALA A 87 2.81 19.86 8.44
C ALA A 87 3.31 19.00 9.58
N ILE A 88 4.53 18.52 9.42
CA ILE A 88 5.31 17.90 10.49
C ILE A 88 6.61 18.70 10.60
N ILE A 89 6.91 19.14 11.82
CA ILE A 89 8.20 19.75 12.15
C ILE A 89 9.01 18.70 12.89
N MET A 90 10.21 18.41 12.38
CA MET A 90 11.03 17.33 12.92
C MET A 90 12.30 17.91 13.52
N PHE A 91 12.69 17.36 14.67
CA PHE A 91 14.02 17.59 15.23
C PHE A 91 14.59 16.23 15.63
N ASP A 92 15.83 16.27 16.12
CA ASP A 92 16.62 15.09 16.46
C ASP A 92 16.89 15.11 17.96
N VAL A 93 16.35 14.12 18.68
CA VAL A 93 16.49 14.16 20.14
C VAL A 93 17.93 14.00 20.61
N THR A 94 18.86 13.66 19.71
CA THR A 94 20.28 13.61 20.06
C THR A 94 20.98 14.93 19.81
N SER A 95 20.30 15.91 19.21
CA SER A 95 20.90 17.20 18.86
C SER A 95 20.04 18.31 19.43
N ARG A 96 20.53 18.97 20.48
N ARG A 96 20.52 18.96 20.49
CA ARG A 96 19.77 20.04 21.11
CA ARG A 96 19.76 20.04 21.11
C ARG A 96 19.59 21.22 20.17
C ARG A 96 19.57 21.20 20.14
N VAL A 97 20.55 21.45 19.27
CA VAL A 97 20.46 22.59 18.36
C VAL A 97 19.23 22.45 17.47
N THR A 98 18.90 21.24 17.04
CA THR A 98 17.76 21.08 16.13
C THR A 98 16.44 21.35 16.83
N TYR A 99 16.35 21.05 18.13
CA TYR A 99 15.16 21.43 18.88
C TYR A 99 15.08 22.94 19.07
N LYS A 100 16.22 23.58 19.34
CA LYS A 100 16.21 25.03 19.50
C LYS A 100 15.86 25.74 18.20
N ASN A 101 15.90 25.06 17.06
CA ASN A 101 15.48 25.64 15.80
C ASN A 101 14.01 25.38 15.48
N VAL A 102 13.33 24.57 16.28
CA VAL A 102 11.91 24.31 16.05
C VAL A 102 11.09 25.60 15.96
N PRO A 103 11.26 26.58 16.85
CA PRO A 103 10.51 27.84 16.70
C PRO A 103 10.80 28.55 15.38
N ASN A 104 12.02 28.46 14.89
CA ASN A 104 12.34 29.10 13.61
C ASN A 104 11.63 28.42 12.46
N TRP A 105 11.55 27.09 12.48
CA TRP A 105 10.81 26.37 11.44
C TRP A 105 9.33 26.67 11.53
N HIS A 106 8.77 26.69 12.74
CA HIS A 106 7.37 27.05 12.90
C HIS A 106 7.09 28.44 12.35
N ARG A 107 7.96 29.40 12.66
CA ARG A 107 7.80 30.75 12.14
C ARG A 107 7.85 30.75 10.62
N ASP A 108 8.81 30.03 10.05
CA ASP A 108 8.94 29.95 8.60
C ASP A 108 7.68 29.37 7.98
N LEU A 109 7.07 28.40 8.65
CA LEU A 109 5.94 27.68 8.08
C LEU A 109 4.67 28.53 8.10
N VAL A 110 4.37 29.16 9.24
CA VAL A 110 3.13 29.92 9.37
C VAL A 110 3.19 31.25 8.63
N ARG A 111 4.40 31.76 8.36
CA ARG A 111 4.55 32.91 7.47
C ARG A 111 3.83 32.69 6.15
N VAL A 112 3.77 31.44 5.68
CA VAL A 112 3.16 31.12 4.40
C VAL A 112 1.87 30.33 4.55
N CYS A 113 1.75 29.51 5.60
CA CYS A 113 0.61 28.62 5.81
C CYS A 113 -0.05 29.02 7.12
N GLU A 114 -1.10 29.83 7.04
CA GLU A 114 -1.55 30.56 8.22
C GLU A 114 -2.12 29.63 9.29
N ASN A 115 -3.15 28.84 8.95
CA ASN A 115 -3.92 28.09 9.93
C ASN A 115 -4.05 26.63 9.49
N ILE A 116 -2.95 25.89 9.58
CA ILE A 116 -2.95 24.46 9.24
C ILE A 116 -2.54 23.64 10.46
N PRO A 117 -3.01 22.40 10.58
CA PRO A 117 -2.59 21.57 11.71
C PRO A 117 -1.14 21.12 11.57
N ILE A 118 -0.42 21.13 12.70
CA ILE A 118 1.01 20.87 12.74
C ILE A 118 1.31 19.91 13.87
N VAL A 119 2.10 18.87 13.57
CA VAL A 119 2.59 17.94 14.57
C VAL A 119 4.09 18.13 14.72
N LEU A 120 4.57 18.05 15.95
CA LEU A 120 6.00 18.17 16.25
C LEU A 120 6.53 16.78 16.56
N CYS A 121 7.60 16.38 15.89
CA CYS A 121 8.17 15.04 16.05
C CYS A 121 9.63 15.10 16.44
N GLY A 122 9.97 14.41 17.51
CA GLY A 122 11.35 14.26 17.93
C GLY A 122 11.87 12.90 17.53
N ASN A 123 12.77 12.87 16.56
CA ASN A 123 13.23 11.64 15.92
C ASN A 123 14.51 11.10 16.57
N LYS A 124 14.80 9.83 16.26
CA LYS A 124 15.98 9.10 16.69
C LYS A 124 15.93 8.74 18.18
N VAL A 125 14.74 8.46 18.71
CA VAL A 125 14.63 8.09 20.11
C VAL A 125 15.11 6.67 20.40
N ASP A 126 15.52 5.94 19.35
CA ASP A 126 16.15 4.63 19.56
C ASP A 126 17.55 4.77 20.14
N ILE A 127 18.21 5.91 19.91
CA ILE A 127 19.59 6.09 20.34
C ILE A 127 19.60 6.30 21.85
N LYS A 128 20.34 5.45 22.56
CA LYS A 128 20.19 5.41 24.02
C LYS A 128 20.66 6.70 24.67
N ASP A 129 21.70 7.34 24.14
CA ASP A 129 22.23 8.59 24.70
C ASP A 129 21.37 9.76 24.21
N ARG A 130 20.17 9.84 24.75
CA ARG A 130 19.20 10.87 24.37
C ARG A 130 19.51 12.18 25.09
N LYS A 131 19.47 13.28 24.34
CA LYS A 131 19.80 14.59 24.89
C LYS A 131 18.58 15.48 25.15
N VAL A 132 17.58 15.43 24.28
CA VAL A 132 16.37 16.23 24.44
C VAL A 132 15.28 15.30 24.98
N LYS A 133 15.06 15.37 26.28
CA LYS A 133 14.12 14.49 26.96
C LYS A 133 12.77 15.20 27.17
N ALA A 134 11.78 14.41 27.56
CA ALA A 134 10.41 14.88 27.67
C ALA A 134 10.30 16.18 28.45
N LYS A 135 11.04 16.31 29.56
CA LYS A 135 10.90 17.48 30.40
C LYS A 135 11.31 18.76 29.70
N SER A 136 12.11 18.68 28.64
CA SER A 136 12.60 19.84 27.92
C SER A 136 11.77 20.17 26.70
N ILE A 137 10.87 19.27 26.30
CA ILE A 137 10.11 19.40 25.07
C ILE A 137 8.82 20.13 25.42
N VAL A 138 8.82 21.45 25.23
CA VAL A 138 7.73 22.30 25.66
C VAL A 138 7.12 23.14 24.54
N PHE A 139 7.79 23.25 23.37
CA PHE A 139 7.32 24.18 22.35
C PHE A 139 5.88 23.88 21.93
N HIS A 140 5.53 22.59 21.83
CA HIS A 140 4.18 22.23 21.41
C HIS A 140 3.14 22.72 22.42
N ARG A 141 3.48 22.73 23.71
CA ARG A 141 2.54 23.20 24.71
C ARG A 141 2.32 24.71 24.57
N LYS A 142 3.40 25.47 24.37
CA LYS A 142 3.27 26.92 24.22
C LYS A 142 2.49 27.28 22.97
N LYS A 143 2.51 26.43 21.94
CA LYS A 143 1.82 26.69 20.68
C LYS A 143 0.62 25.78 20.47
N ASN A 144 0.21 25.04 21.52
CA ASN A 144 -0.98 24.19 21.46
C ASN A 144 -0.92 23.24 20.27
N LEU A 145 0.21 22.56 20.13
CA LEU A 145 0.42 21.56 19.09
C LEU A 145 0.53 20.17 19.72
N GLN A 146 0.49 19.16 18.87
CA GLN A 146 0.69 17.78 19.30
C GLN A 146 2.15 17.39 19.10
N TYR A 147 2.68 16.62 20.04
CA TYR A 147 4.06 16.12 19.98
C TYR A 147 4.07 14.60 20.03
N TYR A 148 4.99 13.98 19.26
CA TYR A 148 5.31 12.57 19.39
C TYR A 148 6.81 12.33 19.32
N ASP A 149 7.28 11.41 20.17
CA ASP A 149 8.54 10.71 19.92
C ASP A 149 8.39 9.79 18.72
N ILE A 150 9.43 9.73 17.87
CA ILE A 150 9.47 8.78 16.77
C ILE A 150 10.88 8.21 16.64
N SER A 151 10.97 7.04 16.03
CA SER A 151 12.24 6.50 15.56
C SER A 151 12.03 6.00 14.13
N ALA A 152 12.48 6.80 13.17
CA ALA A 152 12.28 6.46 11.77
C ALA A 152 12.88 5.10 11.45
N LYS A 153 14.10 4.84 11.94
CA LYS A 153 14.79 3.59 11.58
C LYS A 153 14.17 2.35 12.21
N SER A 154 13.31 2.49 13.21
CA SER A 154 12.64 1.34 13.83
C SER A 154 11.12 1.36 13.61
N ASN A 155 10.61 2.32 12.87
CA ASN A 155 9.18 2.53 12.63
C ASN A 155 8.42 2.89 13.90
N TYR A 156 9.11 3.21 15.00
CA TYR A 156 8.41 3.48 16.24
C TYR A 156 7.55 4.74 16.10
N ASN A 157 6.24 4.58 16.38
CA ASN A 157 5.26 5.66 16.33
C ASN A 157 5.09 6.25 14.93
N PHE A 158 5.42 5.49 13.89
CA PHE A 158 5.35 6.04 12.53
C PHE A 158 3.96 6.61 12.22
N GLU A 159 2.90 5.89 12.58
CA GLU A 159 1.55 6.29 12.19
C GLU A 159 1.00 7.44 13.03
N LYS A 160 1.59 7.73 14.18
CA LYS A 160 0.97 8.64 15.13
C LYS A 160 0.76 10.03 14.55
N PRO A 161 1.76 10.68 13.94
CA PRO A 161 1.51 12.04 13.41
C PRO A 161 0.44 12.05 12.35
N PHE A 162 0.42 11.05 11.48
CA PHE A 162 -0.54 11.02 10.39
C PHE A 162 -1.95 10.82 10.89
N LEU A 163 -2.14 9.93 11.88
CA LEU A 163 -3.47 9.74 12.45
C LEU A 163 -3.97 11.02 13.10
N TRP A 164 -3.09 11.70 13.85
CA TRP A 164 -3.52 12.93 14.50
C TRP A 164 -3.93 13.97 13.47
N LEU A 165 -3.14 14.12 12.41
CA LEU A 165 -3.46 15.07 11.34
C LEU A 165 -4.74 14.68 10.61
N ALA A 166 -4.90 13.39 10.31
CA ALA A 166 -6.11 12.93 9.64
C ALA A 166 -7.36 13.30 10.43
N ARG A 167 -7.33 13.09 11.75
CA ARG A 167 -8.49 13.45 12.57
C ARG A 167 -8.78 14.95 12.48
N LYS A 168 -7.75 15.79 12.47
CA LYS A 168 -7.99 17.23 12.39
C LYS A 168 -8.50 17.62 11.02
N LEU A 169 -7.93 17.04 9.97
CA LEU A 169 -8.29 17.44 8.61
C LEU A 169 -9.70 16.97 8.25
N ILE A 170 -10.08 15.79 8.72
CA ILE A 170 -11.40 15.24 8.44
C ILE A 170 -12.44 15.71 9.45
N GLY A 171 -12.01 16.25 10.59
CA GLY A 171 -12.95 16.69 11.61
C GLY A 171 -13.63 15.55 12.32
N ASP A 172 -12.90 14.46 12.60
CA ASP A 172 -13.45 13.27 13.21
C ASP A 172 -12.50 12.77 14.29
N PRO A 173 -12.74 13.13 15.55
CA PRO A 173 -11.84 12.68 16.63
C PRO A 173 -11.78 11.18 16.81
N ASN A 174 -12.74 10.44 16.26
CA ASN A 174 -12.78 8.99 16.42
C ASN A 174 -12.26 8.23 15.20
N LEU A 175 -11.72 8.95 14.22
CA LEU A 175 -11.11 8.28 13.07
C LEU A 175 -10.00 7.32 13.53
N GLU A 176 -9.92 6.17 12.86
CA GLU A 176 -8.90 5.18 13.16
C GLU A 176 -8.31 4.65 11.86
N PHE A 177 -7.05 4.21 11.92
CA PHE A 177 -6.46 3.44 10.84
C PHE A 177 -6.77 1.96 11.06
N VAL A 178 -7.34 1.31 10.04
CA VAL A 178 -7.73 -0.09 10.21
C VAL A 178 -6.54 -1.03 10.06
N ALA A 179 -5.47 -0.58 9.42
CA ALA A 179 -4.27 -1.39 9.27
C ALA A 179 -3.09 -0.47 9.01
N MET A 180 -1.90 -0.94 9.35
N MET A 180 -1.90 -0.94 9.35
CA MET A 180 -0.69 -0.18 9.11
CA MET A 180 -0.68 -0.17 9.12
C MET A 180 -0.27 -0.30 7.65
C MET A 180 -0.26 -0.30 7.65
N PRO A 181 0.25 0.77 7.04
CA PRO A 181 0.83 0.63 5.70
C PRO A 181 2.03 -0.30 5.72
N ALA A 182 2.35 -0.85 4.56
CA ALA A 182 3.53 -1.69 4.44
C ALA A 182 4.77 -0.84 4.65
N LEU A 183 5.55 -1.16 5.69
CA LEU A 183 6.70 -0.38 6.07
C LEU A 183 8.00 -1.16 5.87
N ALA A 184 9.05 -0.43 5.50
CA ALA A 184 10.38 -1.01 5.47
C ALA A 184 10.70 -1.63 6.82
N PRO A 185 11.23 -2.84 6.88
CA PRO A 185 11.44 -3.48 8.17
C PRO A 185 12.42 -2.68 9.02
N PRO A 186 12.26 -2.71 10.34
CA PRO A 186 13.15 -1.93 11.21
C PRO A 186 14.62 -2.25 10.99
N GLU A 187 15.43 -1.20 10.95
CA GLU A 187 16.86 -1.33 10.77
C GLU A 187 17.64 -1.27 12.08
N VAL A 188 17.00 -0.77 13.15
CA VAL A 188 17.54 -0.75 14.49
C VAL A 188 16.44 -1.23 15.43
N VAL A 189 16.84 -1.65 16.62
CA VAL A 189 15.88 -2.09 17.63
C VAL A 189 15.43 -0.87 18.44
N MET A 190 14.12 -0.74 18.60
CA MET A 190 13.54 0.17 19.59
C MET A 190 13.18 -0.67 20.80
N ASP A 191 13.91 -0.48 21.90
CA ASP A 191 13.69 -1.25 23.11
C ASP A 191 12.27 -1.01 23.62
N PRO A 192 11.45 -2.06 23.79
CA PRO A 192 10.08 -1.81 24.27
C PRO A 192 10.03 -1.16 25.64
N ALA A 193 10.96 -1.52 26.54
CA ALA A 193 10.97 -0.89 27.86
C ALA A 193 11.35 0.57 27.77
N LEU A 194 12.24 0.92 26.84
CA LEU A 194 12.59 2.32 26.64
C LEU A 194 11.41 3.10 26.08
N ALA A 195 10.70 2.51 25.12
CA ALA A 195 9.50 3.16 24.60
C ALA A 195 8.50 3.42 25.70
N ALA A 196 8.27 2.43 26.57
CA ALA A 196 7.29 2.60 27.64
C ALA A 196 7.73 3.67 28.62
N GLN A 197 9.02 3.73 28.94
CA GLN A 197 9.53 4.76 29.83
C GLN A 197 9.37 6.15 29.22
N TYR A 198 9.71 6.28 27.93
CA TYR A 198 9.56 7.57 27.25
C TYR A 198 8.10 8.01 27.17
N GLU A 199 7.19 7.06 26.90
CA GLU A 199 5.78 7.41 26.86
C GLU A 199 5.30 7.87 28.23
N HIS A 200 5.78 7.22 29.29
CA HIS A 200 5.45 7.63 30.65
C HIS A 200 6.03 9.00 30.96
N ASP A 201 7.29 9.24 30.57
CA ASP A 201 7.93 10.53 30.82
C ASP A 201 7.15 11.67 30.18
N LEU A 202 6.62 11.46 28.97
CA LEU A 202 5.85 12.50 28.31
C LEU A 202 4.54 12.76 29.04
N GLU A 203 3.88 11.71 29.52
CA GLU A 203 2.64 11.89 30.26
C GLU A 203 2.88 12.66 31.56
N VAL A 204 3.99 12.37 32.24
CA VAL A 204 4.29 13.07 33.49
C VAL A 204 4.57 14.55 33.22
N ALA A 205 5.37 14.84 32.18
CA ALA A 205 5.68 16.22 31.83
C ALA A 205 4.40 16.98 31.50
N GLN A 206 3.43 16.32 30.87
CA GLN A 206 2.21 17.01 30.47
C GLN A 206 1.33 17.35 31.66
N THR A 207 1.35 16.54 32.70
CA THR A 207 0.43 16.67 33.83
C THR A 207 0.97 17.57 34.93
N THR A 208 2.13 18.20 34.72
CA THR A 208 2.68 19.15 35.69
C THR A 208 2.92 20.48 34.99
N ALA A 209 3.09 21.52 35.81
CA ALA A 209 3.26 22.87 35.29
C ALA A 209 4.64 23.04 34.66
N SER B 5 -20.62 7.41 5.47
CA SER B 5 -19.40 6.91 6.08
C SER B 5 -18.16 7.61 5.50
N GLY B 6 -18.20 7.91 4.20
CA GLY B 6 -17.10 8.60 3.57
C GLY B 6 -17.02 10.06 3.98
N PHE B 7 -15.96 10.72 3.53
CA PHE B 7 -15.76 12.15 3.78
C PHE B 7 -15.76 12.95 2.48
N GLY B 8 -16.51 12.49 1.48
CA GLY B 8 -16.55 13.19 0.21
C GLY B 8 -17.26 14.54 0.30
N ASP B 9 -18.31 14.63 1.12
CA ASP B 9 -19.10 15.85 1.21
C ASP B 9 -18.32 17.02 1.80
N LYS B 10 -17.12 16.78 2.31
CA LYS B 10 -16.28 17.84 2.83
C LYS B 10 -15.40 18.47 1.76
N PHE B 11 -15.28 17.84 0.59
CA PHE B 11 -14.30 18.21 -0.42
C PHE B 11 -15.00 18.22 -1.78
N LYS B 12 -15.56 19.38 -2.14
CA LYS B 12 -16.26 19.56 -3.41
C LYS B 12 -15.81 20.86 -4.04
N PRO B 13 -14.60 20.90 -4.59
CA PRO B 13 -14.09 22.13 -5.21
C PRO B 13 -14.81 22.45 -6.51
N ALA B 14 -14.55 23.67 -6.99
CA ALA B 14 -15.20 24.18 -8.19
C ALA B 14 -14.99 23.23 -9.37
N ILE B 15 -16.01 23.14 -10.23
CA ILE B 15 -15.87 22.38 -11.46
C ILE B 15 -14.71 22.96 -12.26
N GLY B 16 -13.84 22.07 -12.74
CA GLY B 16 -12.65 22.46 -13.46
C GLY B 16 -11.38 22.44 -12.62
N THR B 17 -11.50 22.28 -11.30
CA THR B 17 -10.34 22.11 -10.47
C THR B 17 -9.54 20.91 -10.97
N TRP B 18 -8.22 21.04 -10.97
CA TRP B 18 -7.38 20.01 -11.55
C TRP B 18 -6.13 19.85 -10.70
N ASP B 19 -5.54 18.65 -10.78
CA ASP B 19 -4.36 18.32 -10.01
C ASP B 19 -3.11 18.35 -10.89
N CYS B 20 -2.05 18.95 -10.35
CA CYS B 20 -0.76 18.93 -11.02
C CYS B 20 -0.21 17.51 -11.04
N ASP B 21 0.22 17.07 -12.22
CA ASP B 21 0.78 15.73 -12.37
C ASP B 21 2.25 15.67 -11.96
N THR B 22 2.88 16.82 -11.73
CA THR B 22 4.27 16.83 -11.31
C THR B 22 4.40 16.81 -9.79
N CYS B 23 3.60 17.62 -9.09
CA CYS B 23 3.73 17.76 -7.64
C CYS B 23 2.44 17.46 -6.88
N LEU B 24 1.35 17.15 -7.56
CA LEU B 24 0.08 16.71 -6.98
C LEU B 24 -0.71 17.83 -6.30
N VAL B 25 -0.26 19.08 -6.42
CA VAL B 25 -1.04 20.19 -5.85
C VAL B 25 -2.35 20.39 -6.62
N GLN B 26 -3.39 20.78 -5.89
CA GLN B 26 -4.69 21.06 -6.49
C GLN B 26 -4.70 22.50 -6.99
N ASN B 27 -5.13 22.70 -8.24
CA ASN B 27 -5.11 24.01 -8.85
C ASN B 27 -6.51 24.45 -9.26
N LYS B 28 -6.67 25.77 -9.35
CA LYS B 28 -7.96 26.36 -9.65
C LYS B 28 -8.30 26.26 -11.13
N PRO B 29 -9.59 26.27 -11.47
CA PRO B 29 -9.97 26.08 -12.88
C PRO B 29 -9.35 27.09 -13.84
N GLU B 30 -9.14 28.34 -13.40
CA GLU B 30 -8.59 29.35 -14.30
C GLU B 30 -7.07 29.24 -14.43
N ALA B 31 -6.40 28.52 -13.55
CA ALA B 31 -4.94 28.43 -13.62
C ALA B 31 -4.52 27.62 -14.85
N VAL B 32 -3.49 28.13 -15.55
CA VAL B 32 -2.92 27.44 -16.69
C VAL B 32 -1.57 26.81 -16.38
N LYS B 33 -1.02 27.05 -15.19
CA LYS B 33 0.13 26.33 -14.70
C LYS B 33 -0.02 26.12 -13.21
N CYS B 34 0.77 25.21 -12.67
CA CYS B 34 0.68 24.89 -11.26
C CYS B 34 1.15 26.07 -10.41
N VAL B 35 0.36 26.40 -9.39
CA VAL B 35 0.67 27.53 -8.53
C VAL B 35 1.89 27.25 -7.65
N ALA B 36 2.27 25.99 -7.47
CA ALA B 36 3.41 25.62 -6.62
C ALA B 36 4.68 25.43 -7.45
N CYS B 37 4.63 24.53 -8.45
CA CYS B 37 5.83 24.12 -9.18
C CYS B 37 5.94 24.71 -10.58
N GLU B 38 4.95 25.45 -11.05
CA GLU B 38 4.97 26.16 -12.34
C GLU B 38 4.85 25.24 -13.53
N THR B 39 4.61 23.94 -13.33
CA THR B 39 4.42 23.04 -14.46
C THR B 39 3.16 23.42 -15.23
N PRO B 40 3.21 23.49 -16.56
CA PRO B 40 2.01 23.87 -17.31
C PRO B 40 0.89 22.85 -17.17
N LYS B 41 -0.34 23.34 -17.16
CA LYS B 41 -1.49 22.45 -17.21
C LYS B 41 -1.47 21.72 -18.54
N PRO B 42 -1.61 20.38 -18.54
CA PRO B 42 -1.58 19.66 -19.82
C PRO B 42 -2.85 19.83 -20.64
N PRO C 8 8.03 2.48 -16.53
CA PRO C 8 7.02 1.42 -16.57
C PRO C 8 7.09 0.50 -15.36
N GLN C 9 5.92 0.07 -14.87
CA GLN C 9 5.84 -0.82 -13.73
C GLN C 9 5.83 -2.27 -14.17
N VAL C 10 6.41 -3.13 -13.33
CA VAL C 10 6.28 -4.57 -13.49
C VAL C 10 4.90 -4.98 -12.99
N GLN C 11 4.06 -5.49 -13.88
CA GLN C 11 2.74 -5.93 -13.45
C GLN C 11 2.30 -7.12 -14.30
N PHE C 12 1.41 -7.92 -13.71
CA PHE C 12 0.96 -9.17 -14.30
C PHE C 12 -0.54 -9.29 -14.16
N LYS C 13 -1.21 -9.71 -15.23
CA LYS C 13 -2.63 -10.04 -15.14
C LYS C 13 -2.76 -11.41 -14.47
N LEU C 14 -3.54 -11.46 -13.39
CA LEU C 14 -3.79 -12.69 -12.65
C LEU C 14 -5.30 -12.93 -12.65
N VAL C 15 -5.73 -14.05 -13.20
CA VAL C 15 -7.15 -14.41 -13.19
C VAL C 15 -7.44 -15.29 -11.98
N LEU C 16 -8.50 -14.94 -11.26
CA LEU C 16 -8.91 -15.64 -10.04
C LEU C 16 -10.21 -16.36 -10.34
N VAL C 17 -10.15 -17.68 -10.49
CA VAL C 17 -11.30 -18.46 -10.92
C VAL C 17 -11.59 -19.55 -9.89
N GLY C 18 -12.72 -20.22 -10.10
CA GLY C 18 -13.18 -21.25 -9.20
C GLY C 18 -14.68 -21.17 -9.03
N ASP C 19 -15.29 -22.19 -8.45
CA ASP C 19 -16.75 -22.22 -8.32
C ASP C 19 -17.25 -21.00 -7.56
N GLY C 20 -18.49 -20.63 -7.84
CA GLY C 20 -19.12 -19.55 -7.08
C GLY C 20 -19.25 -19.92 -5.61
N GLY C 21 -19.09 -18.92 -4.76
CA GLY C 21 -19.20 -19.12 -3.32
C GLY C 21 -17.95 -19.63 -2.64
N THR C 22 -16.85 -19.85 -3.36
CA THR C 22 -15.64 -20.37 -2.77
C THR C 22 -14.83 -19.31 -2.02
N GLY C 23 -15.19 -18.04 -2.12
CA GLY C 23 -14.50 -16.97 -1.42
C GLY C 23 -13.55 -16.14 -2.26
N LYS C 24 -13.69 -16.15 -3.58
CA LYS C 24 -12.79 -15.43 -4.46
C LYS C 24 -12.82 -13.93 -4.17
N THR C 25 -14.04 -13.37 -4.11
CA THR C 25 -14.16 -11.94 -3.88
C THR C 25 -13.67 -11.56 -2.48
N THR C 26 -14.05 -12.36 -1.47
CA THR C 26 -13.58 -12.11 -0.12
C THR C 26 -12.06 -12.11 -0.07
N PHE C 27 -11.43 -13.03 -0.80
CA PHE C 27 -9.98 -13.15 -0.81
C PHE C 27 -9.32 -11.93 -1.43
N VAL C 28 -9.75 -11.53 -2.64
CA VAL C 28 -9.04 -10.45 -3.31
C VAL C 28 -9.22 -9.15 -2.53
N LYS C 29 -10.37 -8.97 -1.89
CA LYS C 29 -10.69 -7.75 -1.17
C LYS C 29 -9.88 -7.57 0.11
N ARG C 30 -9.14 -8.58 0.56
CA ARG C 30 -8.33 -8.38 1.77
C ARG C 30 -7.27 -7.29 1.55
N HIS C 31 -6.77 -7.17 0.32
CA HIS C 31 -5.73 -6.18 0.00
C HIS C 31 -6.39 -4.80 -0.11
N LEU C 32 -6.16 -3.95 0.90
CA LEU C 32 -6.94 -2.73 1.05
C LEU C 32 -6.73 -1.77 -0.11
N THR C 33 -5.48 -1.60 -0.57
CA THR C 33 -5.26 -0.67 -1.67
C THR C 33 -5.76 -1.25 -2.99
N GLY C 34 -5.73 -2.57 -3.14
CA GLY C 34 -6.29 -3.18 -4.33
C GLY C 34 -7.79 -2.97 -4.42
N GLU C 35 -8.46 -2.86 -3.26
CA GLU C 35 -9.89 -2.59 -3.25
C GLU C 35 -10.18 -1.11 -3.52
N SER C 36 -9.43 -0.20 -2.89
CA SER C 36 -9.69 1.22 -3.11
C SER C 36 -9.33 1.66 -4.53
N GLU C 37 -8.47 0.91 -5.22
CA GLU C 37 -8.01 1.30 -6.55
C GLU C 37 -8.54 0.37 -7.63
N LYS C 38 -9.56 -0.43 -7.31
CA LYS C 38 -10.07 -1.39 -8.28
C LYS C 38 -10.70 -0.67 -9.47
N LYS C 39 -10.76 -1.36 -10.60
CA LYS C 39 -11.27 -0.81 -11.84
C LYS C 39 -12.34 -1.75 -12.37
N TYR C 40 -13.50 -1.18 -12.73
CA TYR C 40 -14.62 -1.97 -13.23
C TYR C 40 -14.53 -2.09 -14.73
N VAL C 41 -14.73 -3.30 -15.25
CA VAL C 41 -14.70 -3.58 -16.68
C VAL C 41 -16.12 -3.94 -17.08
N ALA C 42 -16.87 -2.96 -17.62
CA ALA C 42 -18.26 -3.18 -17.96
C ALA C 42 -18.43 -4.27 -19.01
N THR C 43 -17.59 -4.24 -20.05
CA THR C 43 -17.72 -5.21 -21.14
C THR C 43 -17.84 -6.64 -20.63
N LEU C 44 -17.09 -6.97 -19.58
CA LEU C 44 -16.95 -8.34 -19.12
C LEU C 44 -17.50 -8.59 -17.73
N GLY C 45 -18.02 -7.57 -17.06
CA GLY C 45 -18.45 -7.73 -15.69
C GLY C 45 -17.32 -8.25 -14.82
N VAL C 46 -16.22 -7.51 -14.79
CA VAL C 46 -15.02 -7.86 -14.04
C VAL C 46 -14.59 -6.66 -13.21
N GLU C 47 -14.10 -6.93 -12.00
CA GLU C 47 -13.39 -5.94 -11.20
C GLU C 47 -11.92 -6.33 -11.18
N VAL C 48 -11.06 -5.44 -11.65
CA VAL C 48 -9.62 -5.66 -11.68
C VAL C 48 -9.02 -4.95 -10.48
N HIS C 49 -8.45 -5.72 -9.54
CA HIS C 49 -7.82 -5.18 -8.36
C HIS C 49 -6.31 -5.08 -8.55
N PRO C 50 -5.72 -3.88 -8.50
CA PRO C 50 -4.25 -3.78 -8.63
C PRO C 50 -3.55 -3.97 -7.29
N LEU C 51 -2.96 -5.15 -7.08
CA LEU C 51 -2.37 -5.51 -5.80
C LEU C 51 -0.85 -5.41 -5.87
N VAL C 52 -0.28 -4.44 -5.16
N VAL C 52 -0.29 -4.44 -5.16
CA VAL C 52 1.17 -4.26 -5.14
CA VAL C 52 1.16 -4.26 -5.10
C VAL C 52 1.75 -5.03 -3.95
C VAL C 52 1.72 -5.09 -3.96
N PHE C 53 2.88 -5.70 -4.21
CA PHE C 53 3.67 -6.36 -3.19
C PHE C 53 5.10 -5.86 -3.34
N HIS C 54 5.76 -5.57 -2.23
CA HIS C 54 7.12 -5.03 -2.26
C HIS C 54 8.10 -6.18 -2.06
N THR C 55 8.88 -6.48 -3.09
CA THR C 55 9.88 -7.52 -3.05
C THR C 55 11.25 -6.92 -2.76
N ASN C 56 12.21 -7.82 -2.49
CA ASN C 56 13.57 -7.37 -2.26
C ASN C 56 14.18 -6.73 -3.52
N ARG C 57 13.57 -6.94 -4.69
CA ARG C 57 14.04 -6.35 -5.94
C ARG C 57 13.09 -5.29 -6.48
N GLY C 58 12.16 -4.81 -5.66
CA GLY C 58 11.25 -3.75 -6.06
C GLY C 58 9.81 -4.18 -6.05
N PRO C 59 8.90 -3.27 -6.37
CA PRO C 59 7.48 -3.61 -6.34
C PRO C 59 7.06 -4.46 -7.53
N ILE C 60 6.10 -5.34 -7.28
N ILE C 60 6.10 -5.35 -7.29
CA ILE C 60 5.43 -6.11 -8.32
CA ILE C 60 5.42 -6.11 -8.33
C ILE C 60 3.93 -5.91 -8.13
C ILE C 60 3.93 -5.93 -8.13
N LYS C 61 3.20 -5.74 -9.23
CA LYS C 61 1.76 -5.54 -9.19
C LYS C 61 1.06 -6.72 -9.85
N PHE C 62 0.13 -7.33 -9.13
CA PHE C 62 -0.76 -8.35 -9.67
C PHE C 62 -2.11 -7.70 -9.90
N ASN C 63 -2.51 -7.58 -11.17
CA ASN C 63 -3.84 -7.06 -11.51
C ASN C 63 -4.81 -8.24 -11.50
N VAL C 64 -5.55 -8.38 -10.40
CA VAL C 64 -6.36 -9.57 -10.13
C VAL C 64 -7.76 -9.37 -10.68
N TRP C 65 -8.15 -10.23 -11.61
CA TRP C 65 -9.47 -10.19 -12.23
C TRP C 65 -10.46 -10.99 -11.39
N ASP C 66 -11.44 -10.32 -10.81
CA ASP C 66 -12.49 -10.96 -10.02
C ASP C 66 -13.81 -10.87 -10.77
N THR C 67 -14.51 -12.00 -10.83
CA THR C 67 -15.80 -12.04 -11.52
C THR C 67 -16.86 -11.28 -10.71
N ALA C 68 -18.02 -11.11 -11.33
CA ALA C 68 -19.21 -10.57 -10.69
C ALA C 68 -20.28 -11.64 -10.55
N GLY C 69 -19.87 -12.89 -10.32
CA GLY C 69 -20.79 -13.99 -10.12
C GLY C 69 -21.17 -14.78 -11.35
N GLN C 70 -20.70 -14.38 -12.54
CA GLN C 70 -21.14 -15.06 -13.75
C GLN C 70 -20.70 -16.52 -13.80
N GLU C 71 -19.68 -16.89 -13.02
CA GLU C 71 -19.28 -18.30 -13.00
C GLU C 71 -20.41 -19.21 -12.54
N LYS C 72 -21.41 -18.64 -11.85
CA LYS C 72 -22.53 -19.45 -11.35
C LYS C 72 -23.44 -19.95 -12.47
N PHE C 73 -23.27 -19.46 -13.70
CA PHE C 73 -24.17 -19.79 -14.80
C PHE C 73 -23.47 -20.46 -15.97
N GLY C 74 -22.16 -20.60 -15.91
CA GLY C 74 -21.43 -21.27 -16.97
C GLY C 74 -19.97 -20.88 -16.93
N GLY C 75 -19.28 -21.17 -18.03
CA GLY C 75 -17.91 -20.75 -18.17
C GLY C 75 -17.80 -19.25 -18.39
N LEU C 76 -16.59 -18.74 -18.20
CA LEU C 76 -16.31 -17.33 -18.41
C LEU C 76 -15.87 -17.11 -19.85
N ARG C 77 -16.18 -15.93 -20.37
CA ARG C 77 -15.88 -15.61 -21.77
C ARG C 77 -14.37 -15.53 -21.98
N ASP C 78 -13.96 -15.72 -23.24
CA ASP C 78 -12.53 -15.68 -23.57
C ASP C 78 -11.86 -14.42 -23.07
N GLY C 79 -12.52 -13.26 -23.24
CA GLY C 79 -11.90 -12.00 -22.85
C GLY C 79 -11.48 -11.96 -21.39
N TYR C 80 -12.17 -12.70 -20.53
CA TYR C 80 -11.74 -12.78 -19.13
C TYR C 80 -10.35 -13.39 -19.03
N TYR C 81 -10.07 -14.41 -19.84
CA TYR C 81 -8.82 -15.13 -19.73
C TYR C 81 -7.68 -14.52 -20.54
N ILE C 82 -7.98 -13.77 -21.59
CA ILE C 82 -6.94 -13.46 -22.59
C ILE C 82 -5.89 -12.55 -21.98
N GLN C 83 -4.63 -12.84 -22.31
CA GLN C 83 -3.44 -12.15 -21.83
C GLN C 83 -3.20 -12.36 -20.34
N ALA C 84 -3.89 -13.30 -19.71
CA ALA C 84 -3.53 -13.67 -18.34
C ALA C 84 -2.13 -14.24 -18.31
N GLN C 85 -1.36 -13.83 -17.30
CA GLN C 85 0.01 -14.29 -17.12
C GLN C 85 0.17 -15.24 -15.95
N CYS C 86 -0.86 -15.39 -15.13
CA CYS C 86 -0.83 -16.32 -14.00
C CYS C 86 -2.26 -16.43 -13.49
N ALA C 87 -2.47 -17.38 -12.58
CA ALA C 87 -3.83 -17.65 -12.16
C ALA C 87 -3.83 -18.28 -10.77
N ILE C 88 -4.96 -18.11 -10.08
CA ILE C 88 -5.26 -18.83 -8.86
C ILE C 88 -6.59 -19.54 -9.07
N ILE C 89 -6.60 -20.85 -8.85
CA ILE C 89 -7.82 -21.63 -8.88
C ILE C 89 -8.23 -21.88 -7.43
N MET C 90 -9.41 -21.41 -7.07
CA MET C 90 -9.88 -21.51 -5.69
C MET C 90 -11.01 -22.51 -5.58
N PHE C 91 -10.97 -23.31 -4.52
CA PHE C 91 -12.08 -24.15 -4.12
C PHE C 91 -12.30 -23.97 -2.62
N ASP C 92 -13.41 -24.52 -2.16
CA ASP C 92 -13.85 -24.42 -0.78
C ASP C 92 -13.64 -25.77 -0.12
N VAL C 93 -12.79 -25.82 0.92
CA VAL C 93 -12.48 -27.10 1.54
C VAL C 93 -13.66 -27.69 2.29
N THR C 94 -14.74 -26.94 2.47
CA THR C 94 -15.97 -27.47 3.02
C THR C 94 -16.95 -27.93 1.96
N SER C 95 -16.58 -27.89 0.68
CA SER C 95 -17.45 -28.25 -0.42
C SER C 95 -16.67 -29.13 -1.39
N ARG C 96 -16.94 -30.44 -1.36
CA ARG C 96 -16.22 -31.36 -2.23
C ARG C 96 -16.47 -31.06 -3.70
N VAL C 97 -17.71 -30.66 -4.04
CA VAL C 97 -18.01 -30.41 -5.44
C VAL C 97 -17.22 -29.23 -6.01
N THR C 98 -16.76 -28.30 -5.16
CA THR C 98 -15.92 -27.23 -5.67
C THR C 98 -14.52 -27.73 -6.03
N TYR C 99 -14.04 -28.76 -5.32
CA TYR C 99 -12.75 -29.35 -5.68
C TYR C 99 -12.86 -30.25 -6.89
N LYS C 100 -13.98 -30.98 -7.03
CA LYS C 100 -14.18 -31.82 -8.20
C LYS C 100 -14.20 -31.01 -9.48
N ASN C 101 -14.56 -29.73 -9.41
CA ASN C 101 -14.62 -28.86 -10.57
C ASN C 101 -13.30 -28.17 -10.88
N VAL C 102 -12.29 -28.32 -10.03
CA VAL C 102 -10.99 -27.72 -10.28
C VAL C 102 -10.46 -28.10 -11.66
N PRO C 103 -10.42 -29.38 -12.05
CA PRO C 103 -9.89 -29.71 -13.38
C PRO C 103 -10.62 -29.01 -14.51
N ASN C 104 -11.92 -28.80 -14.37
CA ASN C 104 -12.68 -28.08 -15.38
C ASN C 104 -12.20 -26.64 -15.51
N TRP C 105 -11.95 -25.98 -14.37
CA TRP C 105 -11.43 -24.62 -14.42
C TRP C 105 -10.03 -24.58 -15.02
N HIS C 106 -9.19 -25.56 -14.69
CA HIS C 106 -7.87 -25.63 -15.29
C HIS C 106 -7.95 -25.73 -16.80
N ARG C 107 -8.69 -26.72 -17.30
CA ARG C 107 -8.87 -26.86 -18.74
C ARG C 107 -9.28 -25.54 -19.38
N ASP C 108 -10.24 -24.84 -18.76
CA ASP C 108 -10.75 -23.60 -19.33
C ASP C 108 -9.65 -22.56 -19.44
N LEU C 109 -8.75 -22.51 -18.46
CA LEU C 109 -7.69 -21.51 -18.46
C LEU C 109 -6.61 -21.84 -19.48
N VAL C 110 -6.11 -23.08 -19.46
CA VAL C 110 -5.04 -23.45 -20.38
C VAL C 110 -5.52 -23.43 -21.82
N ARG C 111 -6.83 -23.54 -22.05
CA ARG C 111 -7.34 -23.45 -23.41
C ARG C 111 -7.03 -22.09 -24.02
N VAL C 112 -6.99 -21.04 -23.21
CA VAL C 112 -6.80 -19.67 -23.69
C VAL C 112 -5.37 -19.21 -23.41
N CYS C 113 -4.79 -19.69 -22.30
CA CYS C 113 -3.56 -19.11 -21.77
C CYS C 113 -2.35 -20.03 -21.85
N GLU C 114 -2.53 -21.31 -22.12
CA GLU C 114 -1.43 -22.27 -22.14
C GLU C 114 -0.82 -22.43 -20.75
N ASN C 115 0.49 -22.63 -20.67
CA ASN C 115 1.15 -23.12 -19.45
C ASN C 115 1.52 -22.01 -18.47
N ILE C 116 0.67 -21.01 -18.27
CA ILE C 116 0.97 -19.96 -17.30
C ILE C 116 1.05 -20.60 -15.92
N PRO C 117 1.81 -20.03 -14.99
CA PRO C 117 1.87 -20.60 -13.63
C PRO C 117 0.55 -20.40 -12.90
N ILE C 118 0.18 -21.40 -12.10
CA ILE C 118 -1.13 -21.48 -11.48
C ILE C 118 -0.98 -21.99 -10.05
N VAL C 119 -1.58 -21.28 -9.10
CA VAL C 119 -1.63 -21.68 -7.70
C VAL C 119 -3.03 -22.19 -7.40
N LEU C 120 -3.11 -23.36 -6.79
CA LEU C 120 -4.38 -23.93 -6.34
C LEU C 120 -4.54 -23.61 -4.85
N CYS C 121 -5.66 -23.01 -4.48
CA CYS C 121 -5.92 -22.57 -3.12
C CYS C 121 -7.21 -23.22 -2.61
N GLY C 122 -7.12 -23.92 -1.49
CA GLY C 122 -8.29 -24.39 -0.78
C GLY C 122 -8.65 -23.43 0.33
N ASN C 123 -9.77 -22.73 0.18
CA ASN C 123 -10.15 -21.64 1.07
C ASN C 123 -11.08 -22.11 2.18
N LYS C 124 -11.18 -21.27 3.22
CA LYS C 124 -12.07 -21.49 4.35
C LYS C 124 -11.55 -22.58 5.28
N VAL C 125 -10.23 -22.72 5.39
CA VAL C 125 -9.65 -23.70 6.28
C VAL C 125 -9.77 -23.29 7.76
N ASP C 126 -10.36 -22.11 8.01
CA ASP C 126 -10.71 -21.73 9.37
C ASP C 126 -11.91 -22.51 9.89
N ILE C 127 -12.75 -23.02 8.99
CA ILE C 127 -13.95 -23.74 9.41
C ILE C 127 -13.56 -25.10 9.95
N LYS C 128 -14.04 -25.42 11.16
CA LYS C 128 -13.60 -26.63 11.85
C LYS C 128 -13.94 -27.89 11.07
N ASP C 129 -15.18 -28.01 10.61
CA ASP C 129 -15.63 -29.24 9.94
C ASP C 129 -15.17 -29.23 8.48
N ARG C 130 -13.86 -29.45 8.32
CA ARG C 130 -13.26 -29.47 7.00
C ARG C 130 -13.54 -30.79 6.30
N LYS C 131 -13.82 -30.72 4.99
CA LYS C 131 -14.18 -31.88 4.19
C LYS C 131 -13.09 -32.33 3.24
N VAL C 132 -12.43 -31.41 2.54
CA VAL C 132 -11.38 -31.75 1.58
C VAL C 132 -10.06 -31.62 2.30
N LYS C 133 -9.47 -32.75 2.66
CA LYS C 133 -8.24 -32.79 3.44
C LYS C 133 -7.02 -32.94 2.53
N ALA C 134 -5.84 -32.75 3.12
CA ALA C 134 -4.60 -32.77 2.35
C ALA C 134 -4.45 -34.08 1.57
N LYS C 135 -4.93 -35.19 2.14
CA LYS C 135 -4.79 -36.47 1.46
C LYS C 135 -5.44 -36.45 0.08
N SER C 136 -6.59 -35.79 -0.04
CA SER C 136 -7.38 -35.81 -1.27
C SER C 136 -6.95 -34.77 -2.29
N ILE C 137 -6.07 -33.85 -1.92
CA ILE C 137 -5.69 -32.73 -2.80
C ILE C 137 -4.45 -33.17 -3.57
N VAL C 138 -4.67 -33.58 -4.83
CA VAL C 138 -3.61 -34.20 -5.62
C VAL C 138 -3.52 -33.56 -7.00
N PHE C 139 -4.54 -32.79 -7.38
CA PHE C 139 -4.59 -32.27 -8.75
C PHE C 139 -3.33 -31.50 -9.12
N HIS C 140 -2.80 -30.71 -8.18
CA HIS C 140 -1.66 -29.86 -8.50
C HIS C 140 -0.43 -30.69 -8.86
N ARG C 141 -0.21 -31.78 -8.13
CA ARG C 141 0.94 -32.65 -8.43
C ARG C 141 0.93 -33.07 -9.89
N LYS C 142 -0.24 -33.54 -10.36
CA LYS C 142 -0.34 -34.05 -11.72
C LYS C 142 -0.14 -32.97 -12.76
N LYS C 143 -0.48 -31.71 -12.43
CA LYS C 143 -0.58 -30.63 -13.41
C LYS C 143 0.49 -29.56 -13.24
N ASN C 144 1.54 -29.83 -12.46
CA ASN C 144 2.62 -28.85 -12.24
C ASN C 144 2.06 -27.54 -11.70
N LEU C 145 1.31 -27.62 -10.62
CA LEU C 145 0.80 -26.45 -9.91
C LEU C 145 1.28 -26.50 -8.47
N GLN C 146 1.22 -25.34 -7.81
CA GLN C 146 1.50 -25.24 -6.38
C GLN C 146 0.18 -25.15 -5.63
N TYR C 147 0.13 -25.77 -4.46
CA TYR C 147 -1.07 -25.75 -3.62
C TYR C 147 -0.80 -25.06 -2.30
N TYR C 148 -1.81 -24.32 -1.81
CA TYR C 148 -1.80 -23.74 -0.49
C TYR C 148 -3.19 -23.81 0.13
N ASP C 149 -3.24 -24.12 1.43
CA ASP C 149 -4.41 -23.79 2.22
C ASP C 149 -4.47 -22.27 2.39
N ILE C 150 -5.69 -21.73 2.50
CA ILE C 150 -5.88 -20.32 2.81
C ILE C 150 -7.17 -20.14 3.59
N SER C 151 -7.27 -19.02 4.29
CA SER C 151 -8.53 -18.55 4.86
C SER C 151 -8.63 -17.05 4.60
N ALA C 152 -9.45 -16.68 3.61
CA ALA C 152 -9.58 -15.26 3.25
C ALA C 152 -10.01 -14.43 4.45
N LYS C 153 -10.99 -14.91 5.21
CA LYS C 153 -11.55 -14.15 6.32
C LYS C 153 -10.57 -13.98 7.47
N SER C 154 -9.48 -14.75 7.51
CA SER C 154 -8.47 -14.61 8.56
C SER C 154 -7.10 -14.23 8.01
N ASN C 155 -7.00 -13.91 6.71
CA ASN C 155 -5.75 -13.57 6.06
C ASN C 155 -4.71 -14.68 6.13
N TYR C 156 -5.09 -15.88 6.58
CA TYR C 156 -4.13 -16.96 6.71
C TYR C 156 -3.53 -17.31 5.36
N ASN C 157 -2.21 -17.27 5.26
CA ASN C 157 -1.45 -17.61 4.06
C ASN C 157 -1.75 -16.68 2.90
N PHE C 158 -2.30 -15.49 3.17
CA PHE C 158 -2.72 -14.62 2.08
C PHE C 158 -1.60 -14.38 1.07
N GLU C 159 -0.37 -14.21 1.55
CA GLU C 159 0.71 -13.81 0.67
C GLU C 159 1.29 -14.97 -0.13
N LYS C 160 1.04 -16.21 0.28
CA LYS C 160 1.75 -17.36 -0.29
C LYS C 160 1.51 -17.52 -1.78
N PRO C 161 0.28 -17.51 -2.29
CA PRO C 161 0.10 -17.67 -3.74
C PRO C 161 0.86 -16.62 -4.53
N PHE C 162 0.84 -15.38 -4.03
CA PHE C 162 1.46 -14.28 -4.78
C PHE C 162 2.97 -14.37 -4.77
N LEU C 163 3.56 -14.79 -3.65
CA LEU C 163 5.01 -14.94 -3.61
C LEU C 163 5.47 -16.07 -4.53
N TRP C 164 4.78 -17.20 -4.49
CA TRP C 164 5.12 -18.30 -5.39
C TRP C 164 5.05 -17.85 -6.84
N LEU C 165 3.95 -17.18 -7.22
CA LEU C 165 3.79 -16.72 -8.60
C LEU C 165 4.85 -15.69 -8.97
N ALA C 166 5.20 -14.81 -8.04
CA ALA C 166 6.23 -13.80 -8.34
C ALA C 166 7.56 -14.47 -8.65
N ARG C 167 7.92 -15.49 -7.88
CA ARG C 167 9.17 -16.20 -8.11
C ARG C 167 9.15 -16.88 -9.47
N LYS C 168 8.00 -17.41 -9.89
CA LYS C 168 7.92 -18.12 -11.16
C LYS C 168 7.96 -17.16 -12.33
N LEU C 169 7.30 -16.01 -12.19
CA LEU C 169 7.20 -15.06 -13.29
C LEU C 169 8.49 -14.30 -13.49
N ILE C 170 9.18 -13.96 -12.40
CA ILE C 170 10.42 -13.21 -12.48
C ILE C 170 11.61 -14.11 -12.78
N GLY C 171 11.50 -15.40 -12.48
CA GLY C 171 12.63 -16.30 -12.62
C GLY C 171 13.65 -16.11 -11.53
N ASP C 172 13.20 -15.84 -10.30
CA ASP C 172 14.08 -15.65 -9.15
C ASP C 172 13.55 -16.45 -7.97
N PRO C 173 14.12 -17.63 -7.70
CA PRO C 173 13.61 -18.46 -6.60
C PRO C 173 13.93 -17.92 -5.21
N ASN C 174 14.73 -16.86 -5.09
CA ASN C 174 15.07 -16.29 -3.80
C ASN C 174 14.33 -15.00 -3.52
N LEU C 175 13.38 -14.64 -4.39
CA LEU C 175 12.58 -13.44 -4.18
C LEU C 175 11.83 -13.54 -2.86
N GLU C 176 11.76 -12.41 -2.15
CA GLU C 176 11.04 -12.33 -0.88
C GLU C 176 10.21 -11.05 -0.86
N PHE C 177 9.12 -11.09 -0.11
CA PHE C 177 8.36 -9.89 0.21
C PHE C 177 8.99 -9.25 1.44
N VAL C 178 9.35 -7.97 1.35
CA VAL C 178 10.01 -7.33 2.49
C VAL C 178 9.00 -6.94 3.56
N ALA C 179 7.74 -6.73 3.19
CA ALA C 179 6.68 -6.45 4.15
C ALA C 179 5.36 -6.94 3.59
N MET C 180 4.45 -7.26 4.48
CA MET C 180 3.11 -7.64 4.07
C MET C 180 2.33 -6.40 3.63
N PRO C 181 1.46 -6.53 2.64
CA PRO C 181 0.58 -5.41 2.30
C PRO C 181 -0.39 -5.13 3.44
N ALA C 182 -0.97 -3.94 3.40
CA ALA C 182 -2.01 -3.60 4.36
C ALA C 182 -3.26 -4.41 4.06
N LEU C 183 -3.67 -5.26 5.00
CA LEU C 183 -4.83 -6.13 4.82
C LEU C 183 -5.96 -5.74 5.77
N ALA C 184 -7.18 -5.99 5.32
CA ALA C 184 -8.34 -5.87 6.19
C ALA C 184 -8.11 -6.72 7.45
N PRO C 185 -8.42 -6.20 8.63
CA PRO C 185 -8.17 -6.98 9.85
C PRO C 185 -8.94 -8.28 9.83
N PRO C 186 -8.37 -9.36 10.36
CA PRO C 186 -9.06 -10.65 10.32
C PRO C 186 -10.45 -10.60 10.93
N GLU C 187 -11.40 -11.23 10.25
CA GLU C 187 -12.78 -11.29 10.72
C GLU C 187 -13.09 -12.58 11.48
N VAL C 188 -12.27 -13.62 11.30
CA VAL C 188 -12.34 -14.83 12.10
C VAL C 188 -10.91 -15.22 12.47
N VAL C 189 -10.79 -15.97 13.55
CA VAL C 189 -9.49 -16.46 13.99
C VAL C 189 -9.15 -17.73 13.23
N MET C 190 -7.89 -17.87 12.83
CA MET C 190 -7.37 -19.13 12.32
C MET C 190 -6.60 -19.80 13.45
N ASP C 191 -7.09 -20.96 13.89
CA ASP C 191 -6.50 -21.64 15.03
C ASP C 191 -5.07 -22.04 14.72
N PRO C 192 -4.08 -21.56 15.48
CA PRO C 192 -2.69 -21.90 15.14
C PRO C 192 -2.40 -23.39 15.17
N ALA C 193 -3.10 -24.16 16.00
CA ALA C 193 -2.89 -25.60 16.02
C ALA C 193 -3.36 -26.25 14.73
N LEU C 194 -4.51 -25.81 14.21
CA LEU C 194 -5.02 -26.36 12.95
C LEU C 194 -4.06 -26.06 11.80
N ALA C 195 -3.49 -24.86 11.77
CA ALA C 195 -2.55 -24.51 10.72
C ALA C 195 -1.33 -25.43 10.75
N ALA C 196 -0.74 -25.60 11.94
CA ALA C 196 0.40 -26.52 12.08
C ALA C 196 0.05 -27.90 11.53
N GLN C 197 -1.09 -28.44 11.92
CA GLN C 197 -1.48 -29.78 11.48
C GLN C 197 -1.66 -29.82 9.97
N TYR C 198 -2.38 -28.84 9.40
CA TYR C 198 -2.61 -28.82 7.97
C TYR C 198 -1.30 -28.69 7.21
N GLU C 199 -0.38 -27.86 7.70
CA GLU C 199 0.93 -27.76 7.06
C GLU C 199 1.69 -29.07 7.18
N HIS C 200 1.59 -29.74 8.32
CA HIS C 200 2.21 -31.05 8.47
C HIS C 200 1.53 -32.09 7.59
N ASP C 201 0.20 -32.07 7.54
CA ASP C 201 -0.53 -33.01 6.69
C ASP C 201 -0.11 -32.88 5.24
N LEU C 202 0.19 -31.66 4.79
CA LEU C 202 0.54 -31.45 3.39
C LEU C 202 1.97 -31.89 3.09
N GLU C 203 2.88 -31.77 4.06
CA GLU C 203 4.25 -32.23 3.84
C GLU C 203 4.31 -33.75 3.79
N VAL C 204 3.57 -34.43 4.67
CA VAL C 204 3.58 -35.88 4.68
C VAL C 204 2.94 -36.43 3.41
N ALA C 205 1.88 -35.77 2.93
CA ALA C 205 1.22 -36.22 1.71
C ALA C 205 2.16 -36.12 0.50
N GLN C 206 2.93 -35.02 0.43
CA GLN C 206 3.82 -34.84 -0.71
C GLN C 206 5.01 -35.81 -0.63
N THR C 207 5.54 -36.05 0.57
CA THR C 207 6.56 -37.06 0.73
C THR C 207 6.00 -38.45 0.43
N THR C 208 4.84 -38.77 1.02
CA THR C 208 4.29 -40.11 0.89
C THR C 208 4.05 -40.47 -0.57
N ALA C 209 3.61 -39.52 -1.38
CA ALA C 209 3.30 -39.77 -2.78
C ALA C 209 2.16 -40.77 -2.90
N SER D 5 19.65 -4.10 -9.62
CA SER D 5 19.10 -4.63 -8.38
C SER D 5 17.57 -4.75 -8.46
N GLY D 6 17.02 -4.64 -9.67
CA GLY D 6 15.58 -4.66 -9.85
C GLY D 6 15.14 -5.46 -11.05
N PHE D 7 13.92 -5.20 -11.54
CA PHE D 7 13.40 -5.85 -12.74
C PHE D 7 13.32 -4.90 -13.93
N GLY D 8 12.58 -3.80 -13.78
CA GLY D 8 12.10 -3.06 -14.94
C GLY D 8 13.19 -2.60 -15.88
N ASP D 9 14.32 -2.15 -15.32
CA ASP D 9 15.38 -1.57 -16.15
C ASP D 9 15.83 -2.50 -17.26
N LYS D 10 15.47 -3.78 -17.18
CA LYS D 10 15.92 -4.75 -18.17
C LYS D 10 15.07 -4.80 -19.42
N PHE D 11 13.86 -4.24 -19.41
CA PHE D 11 12.97 -4.40 -20.56
C PHE D 11 12.11 -3.18 -20.81
N LYS D 12 11.97 -2.83 -22.08
CA LYS D 12 11.02 -1.83 -22.56
C LYS D 12 10.32 -2.45 -23.76
N PRO D 13 8.98 -2.54 -23.78
CA PRO D 13 8.33 -3.20 -24.91
C PRO D 13 8.38 -2.36 -26.17
N ALA D 14 7.89 -2.94 -27.27
CA ALA D 14 7.96 -2.29 -28.57
C ALA D 14 7.31 -0.91 -28.52
N ILE D 15 7.85 0.01 -29.34
CA ILE D 15 7.35 1.38 -29.36
C ILE D 15 5.92 1.39 -29.91
N GLY D 16 5.07 2.17 -29.26
CA GLY D 16 3.65 2.19 -29.58
C GLY D 16 2.81 1.24 -28.77
N THR D 17 3.43 0.29 -28.07
CA THR D 17 2.69 -0.58 -27.16
C THR D 17 1.94 0.27 -26.14
N TRP D 18 0.74 -0.17 -25.76
CA TRP D 18 -0.12 0.62 -24.91
C TRP D 18 -0.87 -0.28 -23.93
N ASP D 19 -1.30 0.33 -22.83
CA ASP D 19 -2.02 -0.34 -21.76
C ASP D 19 -3.47 0.13 -21.76
N CYS D 20 -4.40 -0.80 -21.65
CA CYS D 20 -5.82 -0.45 -21.59
C CYS D 20 -6.13 0.29 -20.30
N ASP D 21 -6.77 1.45 -20.42
CA ASP D 21 -7.11 2.27 -19.26
C ASP D 21 -8.28 1.71 -18.47
N THR D 22 -9.02 0.73 -19.03
CA THR D 22 -10.17 0.15 -18.35
C THR D 22 -9.81 -1.10 -17.55
N CYS D 23 -8.97 -1.97 -18.11
CA CYS D 23 -8.68 -3.27 -17.52
C CYS D 23 -7.19 -3.52 -17.33
N LEU D 24 -6.32 -2.63 -17.80
CA LEU D 24 -4.89 -2.65 -17.58
C LEU D 24 -4.15 -3.72 -18.37
N VAL D 25 -4.80 -4.36 -19.35
CA VAL D 25 -4.09 -5.30 -20.21
C VAL D 25 -3.19 -4.55 -21.17
N GLN D 26 -2.00 -5.11 -21.41
CA GLN D 26 -1.04 -4.51 -22.34
C GLN D 26 -1.34 -4.96 -23.75
N ASN D 27 -1.52 -4.00 -24.66
CA ASN D 27 -1.94 -4.25 -26.02
C ASN D 27 -0.80 -3.97 -27.00
N LYS D 28 -0.88 -4.62 -28.16
CA LYS D 28 0.13 -4.47 -29.19
C LYS D 28 -0.02 -3.15 -29.93
N PRO D 29 1.06 -2.65 -30.54
CA PRO D 29 0.97 -1.33 -31.19
C PRO D 29 -0.09 -1.24 -32.27
N GLU D 30 -0.29 -2.31 -33.05
CA GLU D 30 -1.28 -2.27 -34.11
C GLU D 30 -2.71 -2.37 -33.60
N ALA D 31 -2.91 -2.89 -32.39
CA ALA D 31 -4.26 -3.00 -31.85
C ALA D 31 -4.91 -1.62 -31.76
N VAL D 32 -6.20 -1.57 -32.09
CA VAL D 32 -6.98 -0.34 -31.97
C VAL D 32 -8.03 -0.42 -30.87
N LYS D 33 -8.28 -1.61 -30.33
CA LYS D 33 -9.12 -1.79 -29.15
C LYS D 33 -8.49 -2.88 -28.29
N CYS D 34 -8.83 -2.88 -27.01
CA CYS D 34 -8.21 -3.83 -26.10
C CYS D 34 -8.55 -5.26 -26.51
N VAL D 35 -7.52 -6.11 -26.56
CA VAL D 35 -7.71 -7.51 -26.91
C VAL D 35 -8.58 -8.23 -25.89
N ALA D 36 -8.67 -7.71 -24.67
CA ALA D 36 -9.44 -8.37 -23.62
C ALA D 36 -10.85 -7.82 -23.49
N CYS D 37 -10.98 -6.55 -23.13
CA CYS D 37 -12.28 -5.96 -22.81
C CYS D 37 -12.89 -5.22 -24.00
N GLU D 38 -12.21 -5.16 -25.14
CA GLU D 38 -12.70 -4.55 -26.37
C GLU D 38 -12.78 -3.02 -26.27
N THR D 39 -12.28 -2.42 -25.20
CA THR D 39 -12.36 -0.98 -25.07
C THR D 39 -11.48 -0.32 -26.12
N PRO D 40 -11.99 0.63 -26.90
CA PRO D 40 -11.16 1.27 -27.93
C PRO D 40 -9.94 1.94 -27.33
N LYS D 41 -8.83 1.89 -28.07
CA LYS D 41 -7.67 2.68 -27.71
C LYS D 41 -8.08 4.14 -27.56
N PRO D 42 -7.53 4.88 -26.59
CA PRO D 42 -7.97 6.27 -26.42
C PRO D 42 -7.80 7.10 -27.69
#